data_5J1D
#
_entry.id   5J1D
#
_cell.length_a   37.780
_cell.length_b   78.070
_cell.length_c   56.380
_cell.angle_alpha   90.000
_cell.angle_beta   102.370
_cell.angle_gamma   90.000
#
_symmetry.space_group_name_H-M   'P 1 21 1'
#
loop_
_entity.id
_entity.type
_entity.pdbx_description
1 polymer 'Phosphate binding protein'
2 non-polymer 'PHOSPHATE ION'
3 non-polymer GLYCEROL
4 water water
#
_entity_poly.entity_id   1
_entity_poly.type   'polypeptide(L)'
_entity_poly.pdbx_seq_one_letter_code
;ATAVTGGGASLPADLYKGSADSILPANFSYAVTGSGTGKKAFLENNSALFSTTGTVHFAGSDSVLSSTELNTYNSTYNVS
GDANRYGALVQIPSVATSVTIPFNKAGSAVDLSVTQVCGIFSGKITSWSQLAGLGRTGDIQVVYRGESSGTSELLTRFLT
SACQPADVSSSNLKLTNGVPAFSVQSTFANLFTTVPSNFIAAPATGGTALYNAVYAIDGRVGYVGPDAIPSLTDATKVAK
VKGFSPDEVSVQATLETAAPPTGAAAENPANWVPVFGNPSAGYPIAGYTNFVFGQCYKNATVGANVRGFLTKHYGSTVVN
GVEQGPNDVAIRAHKFIPLTKAWRDAVRARFATATNAGAVNNPATCSGIGRPL
;
_entity_poly.pdbx_strand_id   A
#
loop_
_chem_comp.id
_chem_comp.type
_chem_comp.name
_chem_comp.formula
GOL non-polymer GLYCEROL 'C3 H8 O3'
PO4 non-polymer 'PHOSPHATE ION' 'O4 P -3'
#
# COMPACT_ATOMS: atom_id res chain seq x y z
N ALA A 1 -3.41 -25.26 17.13
CA ALA A 1 -4.40 -25.09 16.02
C ALA A 1 -4.71 -23.64 15.70
N THR A 2 -4.39 -22.71 16.61
CA THR A 2 -4.92 -21.34 16.48
C THR A 2 -4.36 -20.64 15.26
N ALA A 3 -5.26 -20.15 14.41
CA ALA A 3 -4.87 -19.49 13.16
C ALA A 3 -5.17 -18.01 13.26
N VAL A 4 -4.34 -17.20 12.60
CA VAL A 4 -4.61 -15.77 12.46
C VAL A 4 -4.82 -15.50 10.95
N THR A 5 -6.01 -15.08 10.58
CA THR A 5 -6.47 -15.12 9.21
C THR A 5 -6.42 -13.72 8.60
N GLY A 6 -5.67 -13.59 7.51
CA GLY A 6 -5.55 -12.33 6.83
C GLY A 6 -5.26 -12.46 5.37
N GLY A 7 -4.86 -11.34 4.79
CA GLY A 7 -4.68 -11.23 3.35
C GLY A 7 -4.88 -9.79 2.91
N GLY A 8 -4.91 -9.59 1.60
CA GLY A 8 -5.11 -8.27 1.02
C GLY A 8 -4.11 -7.90 -0.04
N ALA A 9 -3.50 -6.74 0.16
CA ALA A 9 -2.50 -6.17 -0.73
C ALA A 9 -1.46 -7.19 -1.21
N SER A 10 -1.24 -7.21 -2.53
CA SER A 10 -0.19 -8.03 -3.12
C SER A 10 1.17 -7.41 -2.87
N LEU A 11 1.24 -6.07 -2.75
CA LEU A 11 2.55 -5.37 -2.77
C LEU A 11 3.55 -5.93 -1.72
N PRO A 12 3.09 -6.11 -0.46
CA PRO A 12 3.96 -6.62 0.59
C PRO A 12 3.82 -8.11 0.86
N ALA A 13 3.12 -8.82 -0.02
CA ALA A 13 2.72 -10.21 0.27
C ALA A 13 3.94 -11.15 0.52
N ASP A 14 5.01 -11.02 -0.26
CA ASP A 14 6.19 -11.91 -0.08
C ASP A 14 7.05 -11.53 1.14
N LEU A 15 7.09 -10.26 1.51
CA LEU A 15 7.70 -9.89 2.80
C LEU A 15 6.95 -10.59 3.95
N TYR A 16 5.63 -10.68 3.82
CA TYR A 16 4.79 -11.22 4.87
C TYR A 16 4.84 -12.74 4.94
N LYS A 17 4.76 -13.44 3.80
CA LYS A 17 4.65 -14.90 3.79
C LYS A 17 5.30 -15.52 2.58
N GLY A 18 5.88 -16.69 2.80
CA GLY A 18 6.28 -17.59 1.71
C GLY A 18 7.75 -17.54 1.35
N SER A 19 8.47 -16.52 1.82
CA SER A 19 9.91 -16.38 1.55
C SER A 19 10.66 -16.82 2.80
N ALA A 20 11.92 -17.23 2.66
CA ALA A 20 12.71 -17.67 3.83
C ALA A 20 12.76 -16.63 4.93
N ASP A 21 12.79 -15.34 4.56
CA ASP A 21 12.86 -14.24 5.54
C ASP A 21 11.52 -13.56 5.81
N SER A 22 10.41 -14.18 5.43
CA SER A 22 9.11 -13.56 5.63
C SER A 22 8.83 -13.33 7.12
N ILE A 23 8.08 -12.28 7.40
CA ILE A 23 7.99 -11.74 8.76
C ILE A 23 6.74 -12.12 9.55
N LEU A 24 5.67 -12.59 8.91
CA LEU A 24 4.48 -13.01 9.68
C LEU A 24 4.75 -14.37 10.34
N PRO A 25 4.30 -14.55 11.59
CA PRO A 25 4.41 -15.87 12.18
C PRO A 25 3.78 -16.98 11.30
N ALA A 26 4.19 -18.21 11.58
CA ALA A 26 3.80 -19.35 10.72
C ALA A 26 2.30 -19.59 10.73
N ASN A 27 1.64 -19.27 11.84
CA ASN A 27 0.19 -19.50 11.94
C ASN A 27 -0.68 -18.36 11.36
N PHE A 28 -0.06 -17.30 10.85
CA PHE A 28 -0.77 -16.25 10.13
C PHE A 28 -0.94 -16.67 8.67
N SER A 29 -2.16 -16.57 8.15
CA SER A 29 -2.39 -16.84 6.71
C SER A 29 -2.48 -15.51 5.96
N TYR A 30 -2.15 -15.51 4.67
CA TYR A 30 -2.20 -14.27 3.90
C TYR A 30 -2.64 -14.51 2.46
N ALA A 31 -3.93 -14.32 2.23
CA ALA A 31 -4.51 -14.53 0.93
C ALA A 31 -4.39 -13.27 0.07
N VAL A 32 -3.76 -13.40 -1.09
CA VAL A 32 -3.52 -12.23 -1.95
C VAL A 32 -4.73 -11.86 -2.78
N THR A 33 -5.27 -10.67 -2.54
CA THR A 33 -6.50 -10.23 -3.18
C THR A 33 -6.45 -8.83 -3.76
N GLY A 34 -5.43 -8.06 -3.43
CA GLY A 34 -5.49 -6.62 -3.63
C GLY A 34 -6.05 -5.98 -2.38
N SER A 35 -5.70 -4.72 -2.17
CA SER A 35 -6.07 -3.99 -0.93
C SER A 35 -7.58 -3.76 -0.74
N GLY A 36 -8.29 -3.49 -1.83
CA GLY A 36 -9.72 -3.19 -1.75
C GLY A 36 -10.44 -4.39 -1.17
N THR A 37 -10.19 -5.56 -1.75
CA THR A 37 -10.82 -6.78 -1.26
C THR A 37 -10.34 -7.12 0.17
N GLY A 38 -9.08 -6.82 0.44
CA GLY A 38 -8.51 -7.02 1.77
C GLY A 38 -9.22 -6.19 2.85
N LYS A 39 -9.40 -4.90 2.59
CA LYS A 39 -10.16 -4.03 3.49
C LYS A 39 -11.60 -4.55 3.72
N LYS A 40 -12.26 -4.96 2.64
CA LYS A 40 -13.63 -5.44 2.73
C LYS A 40 -13.71 -6.72 3.57
N ALA A 41 -12.74 -7.62 3.37
CA ALA A 41 -12.70 -8.87 4.12
C ALA A 41 -12.65 -8.59 5.62
N PHE A 42 -11.80 -7.64 6.01
CA PHE A 42 -11.70 -7.29 7.42
C PHE A 42 -12.93 -6.51 7.91
N LEU A 43 -13.27 -5.43 7.21
CA LEU A 43 -14.37 -4.55 7.62
C LEU A 43 -15.72 -5.27 7.72
N GLU A 44 -15.97 -6.21 6.83
CA GLU A 44 -17.23 -6.97 6.84
C GLU A 44 -17.04 -8.37 7.44
N ASN A 45 -15.87 -8.60 8.05
CA ASN A 45 -15.53 -9.88 8.64
C ASN A 45 -15.97 -11.07 7.75
N ASN A 46 -15.40 -11.11 6.55
CA ASN A 46 -15.79 -11.99 5.47
C ASN A 46 -14.57 -12.78 5.00
N SER A 47 -14.44 -14.01 5.47
CA SER A 47 -13.28 -14.83 5.11
C SER A 47 -13.47 -15.54 3.78
N ALA A 48 -14.67 -15.56 3.26
CA ALA A 48 -14.87 -16.10 1.91
C ALA A 48 -13.96 -15.37 0.89
N LEU A 49 -13.76 -14.07 1.09
CA LEU A 49 -12.94 -13.27 0.21
C LEU A 49 -11.48 -13.71 0.22
N PHE A 50 -11.07 -14.34 1.31
CA PHE A 50 -9.74 -14.91 1.47
C PHE A 50 -9.75 -16.43 1.24
N SER A 51 -10.83 -16.94 0.63
CA SER A 51 -10.96 -18.35 0.26
C SER A 51 -10.87 -19.25 1.47
N THR A 52 -11.41 -18.80 2.60
CA THR A 52 -11.35 -19.61 3.79
C THR A 52 -12.61 -19.39 4.64
N THR A 53 -12.51 -19.72 5.93
CA THR A 53 -13.67 -19.70 6.79
C THR A 53 -13.28 -19.06 8.12
N GLY A 54 -14.29 -18.72 8.91
CA GLY A 54 -14.11 -18.13 10.23
C GLY A 54 -13.88 -16.64 10.20
N THR A 55 -13.42 -16.11 11.33
CA THR A 55 -13.16 -14.68 11.44
C THR A 55 -11.96 -14.23 10.63
N VAL A 56 -12.07 -13.05 10.00
CA VAL A 56 -10.92 -12.35 9.44
C VAL A 56 -10.27 -11.54 10.57
N HIS A 57 -9.00 -11.80 10.84
CA HIS A 57 -8.28 -11.15 11.93
C HIS A 57 -7.51 -9.91 11.52
N PHE A 58 -7.10 -9.82 10.25
CA PHE A 58 -6.34 -8.69 9.77
C PHE A 58 -6.32 -8.60 8.23
N ALA A 59 -5.92 -7.42 7.73
CA ALA A 59 -5.63 -7.22 6.35
C ALA A 59 -4.36 -6.41 6.18
N GLY A 60 -3.71 -6.64 5.03
CA GLY A 60 -2.68 -5.75 4.53
C GLY A 60 -3.35 -4.87 3.46
N SER A 61 -3.04 -3.57 3.48
CA SER A 61 -3.59 -2.63 2.51
C SER A 61 -2.64 -1.49 2.29
N ASP A 62 -2.45 -1.11 1.02
CA ASP A 62 -1.79 0.14 0.68
C ASP A 62 -2.82 1.15 0.14
N SER A 63 -4.11 0.87 0.40
CA SER A 63 -5.18 1.84 0.27
C SER A 63 -5.65 2.25 1.67
N VAL A 64 -5.63 3.54 1.95
CA VAL A 64 -6.02 4.05 3.26
C VAL A 64 -7.49 3.73 3.53
N LEU A 65 -7.85 3.53 4.80
CA LEU A 65 -9.26 3.47 5.17
C LEU A 65 -9.93 4.82 4.93
N SER A 66 -11.10 4.81 4.30
CA SER A 66 -11.79 6.03 3.98
C SER A 66 -12.67 6.45 5.14
N SER A 67 -13.09 7.71 5.10
CA SER A 67 -14.07 8.25 6.04
C SER A 67 -15.32 7.35 6.11
N THR A 68 -15.85 6.99 4.93
CA THR A 68 -17.04 6.18 4.86
C THR A 68 -16.77 4.77 5.45
N GLU A 69 -15.66 4.14 5.09
CA GLU A 69 -15.33 2.85 5.70
C GLU A 69 -15.28 2.91 7.23
N LEU A 70 -14.64 3.93 7.79
CA LEU A 70 -14.53 4.08 9.24
C LEU A 70 -15.89 4.28 9.88
N ASN A 71 -16.72 5.14 9.30
CA ASN A 71 -18.01 5.41 9.90
C ASN A 71 -18.92 4.19 9.83
N THR A 72 -18.93 3.52 8.69
CA THR A 72 -19.70 2.29 8.54
C THR A 72 -19.26 1.23 9.54
N TYR A 73 -17.94 1.04 9.67
CA TYR A 73 -17.41 0.10 10.65
C TYR A 73 -17.89 0.48 12.06
N ASN A 74 -17.69 1.73 12.44
CA ASN A 74 -17.97 2.14 13.81
C ASN A 74 -19.46 1.96 14.14
N SER A 75 -20.32 2.30 13.20
N SER A 75 -20.32 2.31 13.20
CA SER A 75 -21.76 2.29 13.42
CA SER A 75 -21.77 2.31 13.42
C SER A 75 -22.38 0.89 13.38
C SER A 75 -22.39 0.90 13.31
N THR A 76 -21.59 -0.10 12.95
CA THR A 76 -22.03 -1.48 12.83
C THR A 76 -21.38 -2.34 13.89
N TYR A 77 -20.05 -2.22 14.02
CA TYR A 77 -19.27 -3.13 14.83
C TYR A 77 -18.69 -2.52 16.09
N ASN A 78 -18.86 -1.22 16.29
CA ASN A 78 -18.32 -0.59 17.49
C ASN A 78 -19.33 0.37 18.14
N VAL A 79 -20.56 -0.11 18.29
CA VAL A 79 -21.65 0.72 18.81
C VAL A 79 -21.61 0.89 20.33
N SER A 80 -21.71 2.15 20.74
CA SER A 80 -21.85 2.53 22.15
C SER A 80 -22.95 1.71 22.85
N GLY A 81 -22.55 0.99 23.90
CA GLY A 81 -23.46 0.18 24.72
C GLY A 81 -23.76 -1.22 24.22
N ASP A 82 -23.18 -1.61 23.09
CA ASP A 82 -23.48 -2.90 22.50
C ASP A 82 -22.56 -3.99 23.07
N ALA A 83 -23.15 -4.93 23.79
CA ALA A 83 -22.38 -6.00 24.41
C ALA A 83 -21.81 -6.93 23.34
N ASN A 84 -22.38 -6.91 22.15
CA ASN A 84 -21.88 -7.73 21.05
C ASN A 84 -20.92 -7.00 20.11
N ARG A 85 -20.44 -5.82 20.50
CA ARG A 85 -19.55 -5.08 19.63
C ARG A 85 -18.19 -5.75 19.47
N TYR A 86 -17.54 -5.52 18.32
CA TYR A 86 -16.19 -6.00 18.11
C TYR A 86 -15.15 -5.09 18.79
N GLY A 87 -15.50 -3.82 19.00
CA GLY A 87 -14.56 -2.83 19.45
C GLY A 87 -13.92 -2.06 18.30
N ALA A 88 -12.91 -1.27 18.64
CA ALA A 88 -12.24 -0.42 17.66
C ALA A 88 -11.39 -1.26 16.71
N LEU A 89 -11.07 -0.69 15.56
CA LEU A 89 -10.07 -1.27 14.68
C LEU A 89 -8.79 -0.46 14.84
N VAL A 90 -7.70 -1.05 14.34
CA VAL A 90 -6.34 -0.51 14.36
C VAL A 90 -5.86 -0.43 12.93
N GLN A 91 -5.44 0.76 12.50
CA GLN A 91 -4.75 0.93 11.22
C GLN A 91 -3.35 1.45 11.51
N ILE A 92 -2.34 0.76 11.01
CA ILE A 92 -0.94 1.18 11.26
C ILE A 92 -0.09 0.98 10.00
N PRO A 93 0.93 1.84 9.81
CA PRO A 93 1.87 1.61 8.72
C PRO A 93 2.72 0.41 9.05
N SER A 94 3.10 -0.34 8.02
CA SER A 94 3.95 -1.52 8.18
C SER A 94 5.36 -1.25 7.69
N VAL A 95 5.47 -0.87 6.42
CA VAL A 95 6.74 -0.43 5.82
C VAL A 95 6.36 0.66 4.80
N ALA A 96 7.34 1.42 4.35
CA ALA A 96 7.13 2.37 3.28
C ALA A 96 7.60 1.69 2.00
N THR A 97 7.11 2.18 0.87
CA THR A 97 7.40 1.57 -0.42
C THR A 97 7.39 2.63 -1.51
N SER A 98 8.14 2.36 -2.57
CA SER A 98 7.99 3.09 -3.81
C SER A 98 6.93 2.40 -4.66
N VAL A 99 6.50 3.08 -5.71
CA VAL A 99 5.80 2.46 -6.84
C VAL A 99 6.68 2.64 -8.06
N THR A 100 6.99 1.51 -8.70
CA THR A 100 7.92 1.45 -9.80
C THR A 100 7.13 1.47 -11.12
N ILE A 101 7.85 1.82 -12.19
CA ILE A 101 7.28 1.92 -13.53
C ILE A 101 8.05 0.95 -14.45
N PRO A 102 7.71 -0.36 -14.39
CA PRO A 102 8.33 -1.30 -15.32
C PRO A 102 7.81 -1.04 -16.74
N PHE A 103 8.66 -1.23 -17.74
CA PHE A 103 8.22 -1.12 -19.12
C PHE A 103 8.98 -2.12 -19.93
N ASN A 104 8.38 -2.51 -21.05
CA ASN A 104 8.98 -3.50 -21.94
C ASN A 104 9.21 -2.88 -23.33
N LYS A 105 10.35 -2.23 -23.49
CA LYS A 105 10.71 -1.64 -24.76
C LYS A 105 12.23 -1.53 -24.82
N ALA A 106 12.83 -2.42 -25.60
CA ALA A 106 14.29 -2.54 -25.74
C ALA A 106 14.94 -1.24 -26.09
N GLY A 107 16.10 -0.97 -25.47
CA GLY A 107 16.87 0.22 -25.81
C GLY A 107 17.67 0.79 -24.64
N SER A 108 17.98 2.09 -24.74
CA SER A 108 18.81 2.80 -23.78
C SER A 108 18.06 3.07 -22.46
N ALA A 109 18.78 3.61 -21.48
CA ALA A 109 18.18 3.96 -20.20
C ALA A 109 17.07 4.98 -20.38
N VAL A 110 15.97 4.77 -19.66
CA VAL A 110 14.82 5.66 -19.73
C VAL A 110 14.65 6.42 -18.42
N ASP A 111 14.59 7.75 -18.54
CA ASP A 111 14.35 8.64 -17.43
C ASP A 111 13.20 9.54 -17.84
N LEU A 112 12.04 9.37 -17.20
CA LEU A 112 10.84 10.12 -17.53
C LEU A 112 10.68 11.35 -16.65
N SER A 113 10.34 12.47 -17.29
CA SER A 113 9.90 13.67 -16.58
C SER A 113 8.50 13.46 -15.99
N VAL A 114 8.11 14.32 -15.05
CA VAL A 114 6.76 14.31 -14.54
C VAL A 114 5.77 14.49 -15.70
N THR A 115 6.04 15.46 -16.56
CA THR A 115 5.24 15.64 -17.77
C THR A 115 5.04 14.33 -18.55
N GLN A 116 6.11 13.59 -18.76
CA GLN A 116 6.01 12.36 -19.58
C GLN A 116 5.24 11.25 -18.87
N VAL A 117 5.51 11.05 -17.57
CA VAL A 117 4.75 10.04 -16.81
C VAL A 117 3.25 10.36 -16.80
N CYS A 118 2.94 11.63 -16.56
CA CYS A 118 1.56 12.13 -16.58
C CYS A 118 0.92 11.91 -17.93
N GLY A 119 1.67 12.15 -19.00
CA GLY A 119 1.14 11.93 -20.35
C GLY A 119 0.88 10.46 -20.69
N ILE A 120 1.79 9.58 -20.26
CA ILE A 120 1.64 8.13 -20.48
C ILE A 120 0.42 7.59 -19.74
N PHE A 121 0.32 7.89 -18.45
CA PHE A 121 -0.76 7.30 -17.66
C PHE A 121 -2.12 7.96 -17.84
N SER A 122 -2.17 9.12 -18.51
CA SER A 122 -3.44 9.74 -18.86
C SER A 122 -3.95 9.28 -20.22
N GLY A 123 -3.05 8.77 -21.05
CA GLY A 123 -3.38 8.41 -22.41
C GLY A 123 -3.08 9.51 -23.41
N LYS A 124 -2.58 10.64 -22.92
CA LYS A 124 -2.19 11.75 -23.79
C LYS A 124 -1.06 11.32 -24.75
N ILE A 125 -0.11 10.55 -24.22
CA ILE A 125 1.06 10.07 -24.97
C ILE A 125 0.80 8.61 -25.31
N THR A 126 0.72 8.33 -26.62
CA THR A 126 0.28 7.03 -27.07
C THR A 126 1.32 6.24 -27.85
N SER A 127 2.45 6.88 -28.17
CA SER A 127 3.48 6.27 -28.97
C SER A 127 4.82 6.53 -28.31
N TRP A 128 5.68 5.52 -28.37
CA TRP A 128 7.03 5.66 -27.84
C TRP A 128 7.79 6.74 -28.58
N SER A 129 7.39 7.04 -29.83
CA SER A 129 8.09 8.05 -30.64
C SER A 129 7.87 9.48 -30.13
N GLN A 130 6.86 9.65 -29.29
CA GLN A 130 6.56 10.95 -28.68
C GLN A 130 7.42 11.26 -27.45
N LEU A 131 8.25 10.31 -27.02
CA LEU A 131 9.17 10.49 -25.89
C LEU A 131 10.57 10.81 -26.40
N ALA A 132 10.92 12.09 -26.38
CA ALA A 132 12.16 12.58 -27.05
C ALA A 132 13.44 11.90 -26.55
N GLY A 133 14.27 11.41 -27.47
CA GLY A 133 15.58 10.90 -27.12
C GLY A 133 15.66 9.45 -26.67
N LEU A 134 14.51 8.77 -26.56
CA LEU A 134 14.50 7.38 -26.07
C LEU A 134 14.79 6.39 -27.19
N GLY A 135 14.74 6.84 -28.44
CA GLY A 135 15.10 6.01 -29.58
C GLY A 135 14.16 4.86 -29.84
N ARG A 136 12.89 5.07 -29.51
CA ARG A 136 11.91 3.99 -29.58
C ARG A 136 10.68 4.50 -30.31
N THR A 137 10.01 3.61 -31.04
CA THR A 137 8.72 3.93 -31.67
C THR A 137 7.72 2.82 -31.43
N GLY A 138 6.49 2.99 -31.92
CA GLY A 138 5.43 2.00 -31.72
C GLY A 138 4.46 2.36 -30.62
N ASP A 139 3.31 1.69 -30.63
CA ASP A 139 2.27 1.88 -29.62
C ASP A 139 2.74 1.66 -28.18
N ILE A 140 2.30 2.57 -27.31
CA ILE A 140 2.38 2.36 -25.86
C ILE A 140 1.07 1.72 -25.43
N GLN A 141 1.17 0.61 -24.73
CA GLN A 141 0.04 -0.02 -24.08
C GLN A 141 0.28 -0.03 -22.57
N VAL A 142 -0.66 0.57 -21.82
CA VAL A 142 -0.52 0.68 -20.37
C VAL A 142 -1.31 -0.46 -19.70
N VAL A 143 -0.61 -1.24 -18.89
CA VAL A 143 -1.25 -2.29 -18.12
C VAL A 143 -1.60 -1.74 -16.73
N TYR A 144 -2.87 -1.90 -16.33
CA TYR A 144 -3.32 -1.43 -15.03
C TYR A 144 -4.00 -2.53 -14.24
N ARG A 145 -4.24 -2.26 -12.96
CA ARG A 145 -4.85 -3.23 -12.09
C ARG A 145 -6.39 -3.09 -12.20
N GLY A 146 -7.07 -4.16 -12.60
CA GLY A 146 -8.51 -4.14 -12.73
C GLY A 146 -9.22 -4.04 -11.38
N GLU A 147 -8.63 -4.68 -10.38
CA GLU A 147 -9.22 -4.71 -9.03
C GLU A 147 -8.83 -3.47 -8.22
N SER A 148 -9.57 -3.23 -7.13
CA SER A 148 -9.26 -2.15 -6.20
C SER A 148 -7.88 -2.42 -5.59
N SER A 149 -6.97 -1.46 -5.75
CA SER A 149 -5.55 -1.64 -5.54
C SER A 149 -4.91 -0.46 -4.79
N GLY A 150 -4.17 -0.78 -3.74
CA GLY A 150 -3.36 0.18 -3.03
C GLY A 150 -2.26 0.78 -3.90
N THR A 151 -1.65 -0.03 -4.76
CA THR A 151 -0.64 0.47 -5.70
C THR A 151 -1.25 1.51 -6.66
N SER A 152 -2.48 1.27 -7.13
CA SER A 152 -3.17 2.26 -7.95
C SER A 152 -3.38 3.56 -7.16
N GLU A 153 -3.74 3.41 -5.89
CA GLU A 153 -4.00 4.57 -5.04
C GLU A 153 -2.73 5.40 -4.85
N LEU A 154 -1.62 4.74 -4.57
CA LEU A 154 -0.32 5.42 -4.39
C LEU A 154 0.09 6.15 -5.69
N LEU A 155 -0.04 5.46 -6.83
CA LEU A 155 0.36 6.05 -8.09
C LEU A 155 -0.53 7.25 -8.43
N THR A 156 -1.84 7.08 -8.26
CA THR A 156 -2.79 8.13 -8.65
C THR A 156 -2.73 9.34 -7.72
N ARG A 157 -2.43 9.11 -6.43
CA ARG A 157 -2.24 10.22 -5.51
C ARG A 157 -1.06 11.08 -5.97
N PHE A 158 0.03 10.43 -6.38
CA PHE A 158 1.17 11.14 -6.91
C PHE A 158 0.80 11.92 -8.16
N LEU A 159 0.18 11.25 -9.12
CA LEU A 159 -0.23 11.90 -10.37
C LEU A 159 -1.23 13.07 -10.13
N THR A 160 -2.18 12.87 -9.24
CA THR A 160 -3.08 13.92 -8.81
C THR A 160 -2.33 15.10 -8.19
N SER A 161 -1.32 14.81 -7.36
CA SER A 161 -0.53 15.86 -6.71
C SER A 161 0.47 16.58 -7.61
N ALA A 162 1.09 15.86 -8.55
CA ALA A 162 2.22 16.40 -9.29
C ALA A 162 1.94 16.86 -10.70
N CYS A 163 0.96 16.24 -11.37
CA CYS A 163 0.70 16.55 -12.76
C CYS A 163 0.05 17.93 -12.90
N GLN A 164 0.51 18.68 -13.90
CA GLN A 164 -0.08 19.99 -14.21
C GLN A 164 -1.15 19.81 -15.26
N PRO A 165 -2.11 20.75 -15.35
CA PRO A 165 -3.12 20.58 -16.40
C PRO A 165 -2.54 20.43 -17.81
N ALA A 166 -1.48 21.16 -18.12
CA ALA A 166 -0.84 21.05 -19.45
C ALA A 166 -0.25 19.65 -19.70
N ASP A 167 0.08 18.91 -18.65
CA ASP A 167 0.62 17.57 -18.77
C ASP A 167 -0.43 16.52 -19.18
N VAL A 168 -1.71 16.85 -19.00
CA VAL A 168 -2.78 15.88 -19.19
C VAL A 168 -3.95 16.41 -20.01
N SER A 169 -3.75 17.56 -20.64
CA SER A 169 -4.75 18.11 -21.54
C SER A 169 -4.94 17.21 -22.75
N SER A 170 -6.16 17.22 -23.30
CA SER A 170 -6.52 16.33 -24.40
C SER A 170 -6.31 14.86 -23.98
N SER A 171 -6.87 14.50 -22.83
CA SER A 171 -6.97 13.13 -22.38
C SER A 171 -8.38 12.94 -21.89
N ASN A 172 -8.71 11.69 -21.62
CA ASN A 172 -10.02 11.27 -21.12
C ASN A 172 -10.14 11.26 -19.61
N LEU A 173 -9.19 11.85 -18.89
CA LEU A 173 -9.33 12.01 -17.44
C LEU A 173 -10.55 12.87 -17.12
N LYS A 174 -11.26 12.46 -16.07
CA LYS A 174 -12.39 13.22 -15.54
C LYS A 174 -11.93 14.64 -15.19
N LEU A 175 -12.86 15.59 -15.27
CA LEU A 175 -12.50 16.98 -15.10
C LEU A 175 -12.39 17.37 -13.64
N THR A 176 -11.39 18.17 -13.32
CA THR A 176 -11.31 18.93 -12.06
C THR A 176 -10.97 20.36 -12.46
N ASN A 177 -11.76 21.32 -12.01
CA ASN A 177 -11.54 22.74 -12.33
C ASN A 177 -11.58 22.99 -13.82
N GLY A 178 -12.51 22.31 -14.48
CA GLY A 178 -12.79 22.52 -15.88
C GLY A 178 -11.83 21.86 -16.84
N VAL A 179 -10.87 21.07 -16.33
CA VAL A 179 -9.85 20.44 -17.18
C VAL A 179 -9.59 18.99 -16.76
N PRO A 180 -9.15 18.15 -17.71
CA PRO A 180 -8.81 16.78 -17.35
C PRO A 180 -7.80 16.79 -16.23
N ALA A 181 -7.95 15.87 -15.29
CA ALA A 181 -7.07 15.81 -14.12
C ALA A 181 -7.06 14.42 -13.53
N PHE A 182 -5.90 14.01 -13.02
CA PHE A 182 -5.85 12.84 -12.20
C PHE A 182 -6.62 13.09 -10.91
N SER A 183 -7.16 12.02 -10.35
CA SER A 183 -7.82 12.01 -9.05
C SER A 183 -7.33 10.76 -8.33
N VAL A 184 -7.50 10.71 -7.02
CA VAL A 184 -7.06 9.53 -6.25
C VAL A 184 -8.04 8.38 -6.47
N GLN A 185 -7.56 7.28 -7.03
CA GLN A 185 -8.40 6.13 -7.35
C GLN A 185 -7.68 4.84 -7.00
N SER A 186 -8.36 4.00 -6.19
CA SER A 186 -7.85 2.63 -5.96
C SER A 186 -8.31 1.71 -7.10
N THR A 187 -9.39 2.11 -7.77
CA THR A 187 -9.80 1.48 -9.02
C THR A 187 -9.32 2.40 -10.15
N PHE A 188 -8.18 2.03 -10.74
CA PHE A 188 -7.51 2.87 -11.75
C PHE A 188 -8.41 3.29 -12.92
N ALA A 189 -9.22 2.35 -13.39
CA ALA A 189 -10.18 2.66 -14.47
C ALA A 189 -11.11 3.85 -14.18
N ASN A 190 -11.42 4.06 -12.90
N ASN A 190 -11.41 4.09 -12.91
CA ASN A 190 -12.32 5.14 -12.47
CA ASN A 190 -12.34 5.14 -12.54
C ASN A 190 -11.77 6.56 -12.73
C ASN A 190 -11.75 6.56 -12.67
N LEU A 191 -10.49 6.66 -13.07
CA LEU A 191 -9.91 7.95 -13.49
C LEU A 191 -10.57 8.58 -14.72
N PHE A 192 -11.15 7.75 -15.60
CA PHE A 192 -11.46 8.15 -16.97
C PHE A 192 -12.94 8.25 -17.21
N THR A 193 -13.33 9.19 -18.07
CA THR A 193 -14.70 9.22 -18.59
C THR A 193 -14.95 7.92 -19.38
N THR A 194 -14.02 7.59 -20.29
CA THR A 194 -13.96 6.29 -20.95
C THR A 194 -12.49 5.87 -20.93
N VAL A 195 -12.22 4.63 -20.53
CA VAL A 195 -10.86 4.11 -20.51
C VAL A 195 -10.33 4.08 -21.96
N PRO A 196 -9.13 4.66 -22.20
CA PRO A 196 -8.62 4.58 -23.57
C PRO A 196 -8.28 3.14 -24.01
N SER A 197 -8.41 2.90 -25.31
CA SER A 197 -8.26 1.54 -25.83
C SER A 197 -6.84 0.99 -25.71
N ASN A 198 -5.83 1.83 -25.52
CA ASN A 198 -4.45 1.31 -25.28
C ASN A 198 -4.15 0.96 -23.80
N PHE A 199 -5.17 1.01 -22.94
CA PHE A 199 -5.09 0.61 -21.53
C PHE A 199 -5.74 -0.78 -21.37
N ILE A 200 -5.01 -1.70 -20.78
CA ILE A 200 -5.50 -3.09 -20.63
C ILE A 200 -5.37 -3.55 -19.18
N ALA A 201 -6.42 -4.15 -18.64
CA ALA A 201 -6.38 -4.69 -17.28
C ALA A 201 -5.44 -5.89 -17.24
N ALA A 202 -4.62 -6.00 -16.19
CA ALA A 202 -3.82 -7.19 -16.02
C ALA A 202 -4.72 -8.42 -16.00
N PRO A 203 -4.17 -9.57 -16.40
CA PRO A 203 -5.01 -10.71 -16.68
C PRO A 203 -5.36 -11.56 -15.47
N ALA A 204 -4.80 -11.20 -14.30
CA ALA A 204 -5.13 -11.87 -13.08
C ALA A 204 -4.87 -10.89 -11.94
N THR A 205 -5.36 -11.24 -10.78
CA THR A 205 -5.19 -10.44 -9.59
C THR A 205 -3.72 -10.31 -9.23
N GLY A 206 -3.33 -9.11 -8.81
CA GLY A 206 -2.03 -8.87 -8.17
C GLY A 206 -0.98 -8.27 -9.04
N GLY A 207 0.00 -7.62 -8.40
CA GLY A 207 1.07 -6.94 -9.10
C GLY A 207 2.02 -7.83 -9.87
N THR A 208 2.26 -9.05 -9.39
CA THR A 208 3.08 -9.99 -10.15
C THR A 208 2.49 -10.33 -11.51
N ALA A 209 1.16 -10.52 -11.57
CA ALA A 209 0.51 -10.82 -12.83
C ALA A 209 0.58 -9.58 -13.75
N LEU A 210 0.49 -8.39 -13.20
CA LEU A 210 0.60 -7.16 -14.01
C LEU A 210 2.01 -7.07 -14.59
N TYR A 211 3.00 -7.28 -13.73
CA TYR A 211 4.40 -7.29 -14.13
C TYR A 211 4.66 -8.24 -15.30
N ASN A 212 4.22 -9.49 -15.19
CA ASN A 212 4.42 -10.48 -16.25
C ASN A 212 3.69 -10.11 -17.52
N ALA A 213 2.52 -9.51 -17.39
CA ALA A 213 1.78 -9.01 -18.55
C ALA A 213 2.53 -7.87 -19.25
N VAL A 214 3.21 -7.00 -18.51
CA VAL A 214 4.04 -5.96 -19.12
C VAL A 214 5.11 -6.57 -20.04
N TYR A 215 5.74 -7.66 -19.60
CA TYR A 215 6.77 -8.25 -20.39
C TYR A 215 6.26 -9.30 -21.40
N ALA A 216 4.95 -9.49 -21.47
CA ALA A 216 4.38 -10.43 -22.44
C ALA A 216 4.25 -9.86 -23.86
N ILE A 217 4.11 -8.54 -23.99
CA ILE A 217 3.90 -7.88 -25.30
C ILE A 217 4.77 -6.62 -25.37
N ASP A 218 5.51 -6.47 -26.47
CA ASP A 218 6.38 -5.33 -26.67
C ASP A 218 5.60 -4.03 -26.56
N GLY A 219 6.25 -3.04 -25.93
CA GLY A 219 5.76 -1.67 -25.90
C GLY A 219 4.91 -1.33 -24.67
N ARG A 220 4.78 -2.28 -23.74
CA ARG A 220 3.92 -2.08 -22.58
C ARG A 220 4.64 -1.34 -21.46
N VAL A 221 3.83 -0.67 -20.64
CA VAL A 221 4.28 0.06 -19.46
C VAL A 221 3.25 -0.29 -18.38
N GLY A 222 3.73 -0.41 -17.15
CA GLY A 222 2.87 -0.69 -16.00
C GLY A 222 3.32 0.04 -14.75
N TYR A 223 2.76 -0.35 -13.62
CA TYR A 223 3.12 0.19 -12.32
C TYR A 223 3.03 -0.94 -11.28
N VAL A 224 4.07 -1.10 -10.48
CA VAL A 224 4.07 -2.22 -9.52
C VAL A 224 4.97 -1.85 -8.34
N GLY A 225 4.71 -2.47 -7.20
CA GLY A 225 5.59 -2.33 -6.06
C GLY A 225 6.98 -2.90 -6.35
N PRO A 226 7.97 -2.51 -5.57
CA PRO A 226 9.37 -2.80 -5.90
C PRO A 226 9.83 -4.23 -5.65
N ASP A 227 9.16 -4.97 -4.77
CA ASP A 227 9.67 -6.27 -4.34
C ASP A 227 9.74 -7.22 -5.57
N ALA A 228 8.73 -7.18 -6.44
CA ALA A 228 8.68 -8.07 -7.63
C ALA A 228 9.65 -7.68 -8.75
N ILE A 229 10.20 -6.48 -8.67
CA ILE A 229 11.16 -6.04 -9.68
C ILE A 229 12.52 -6.74 -9.44
N PRO A 230 13.06 -7.40 -10.47
CA PRO A 230 14.37 -8.05 -10.30
C PRO A 230 15.51 -7.07 -10.08
N SER A 231 15.52 -5.96 -10.82
CA SER A 231 16.49 -4.88 -10.57
C SER A 231 15.86 -3.51 -10.65
N LEU A 232 15.81 -2.79 -9.53
CA LEU A 232 15.30 -1.40 -9.51
C LEU A 232 16.19 -0.43 -10.25
N THR A 233 17.43 -0.81 -10.50
CA THR A 233 18.45 0.08 -11.02
C THR A 233 18.63 -0.01 -12.54
N ASP A 234 18.00 -1.02 -13.15
CA ASP A 234 18.09 -1.21 -14.59
C ASP A 234 17.09 -0.29 -15.30
N ALA A 235 17.56 0.88 -15.69
CA ALA A 235 16.70 1.87 -16.33
C ALA A 235 16.33 1.52 -17.79
N THR A 236 16.83 0.41 -18.34
CA THR A 236 16.37 -0.09 -19.64
C THR A 236 15.08 -0.88 -19.48
N LYS A 237 14.67 -1.11 -18.23
CA LYS A 237 13.46 -1.89 -17.93
C LYS A 237 12.56 -1.27 -16.87
N VAL A 238 13.12 -0.45 -15.98
CA VAL A 238 12.39 0.18 -14.89
C VAL A 238 12.73 1.66 -14.95
N ALA A 239 11.76 2.48 -15.35
CA ALA A 239 12.01 3.89 -15.67
C ALA A 239 12.43 4.68 -14.44
N LYS A 240 13.46 5.51 -14.61
CA LYS A 240 13.70 6.56 -13.63
C LYS A 240 12.60 7.60 -13.76
N VAL A 241 12.36 8.33 -12.67
CA VAL A 241 11.38 9.39 -12.67
C VAL A 241 12.08 10.65 -12.14
N LYS A 242 12.07 11.67 -12.98
CA LYS A 242 12.89 12.87 -12.83
C LYS A 242 14.29 12.64 -12.27
N GLY A 243 14.98 11.66 -12.85
CA GLY A 243 16.40 11.43 -12.54
C GLY A 243 16.65 10.45 -11.41
N PHE A 244 15.58 9.87 -10.86
CA PHE A 244 15.68 8.94 -9.71
C PHE A 244 15.17 7.53 -10.05
N SER A 245 15.97 6.52 -9.68
CA SER A 245 15.50 5.17 -9.65
C SER A 245 14.59 4.97 -8.43
N PRO A 246 13.71 3.94 -8.49
CA PRO A 246 12.79 3.73 -7.39
C PRO A 246 13.38 3.28 -6.05
N ASP A 247 14.70 3.12 -5.95
CA ASP A 247 15.33 2.94 -4.64
C ASP A 247 15.95 4.26 -4.13
N GLU A 248 15.52 5.39 -4.69
CA GLU A 248 16.04 6.70 -4.32
C GLU A 248 14.99 7.60 -3.67
N VAL A 249 14.06 6.99 -2.93
CA VAL A 249 13.08 7.72 -2.16
C VAL A 249 13.85 8.50 -1.08
N SER A 250 13.46 9.76 -0.85
CA SER A 250 14.03 10.54 0.25
C SER A 250 13.28 10.28 1.54
N VAL A 251 13.92 9.58 2.47
CA VAL A 251 13.32 9.34 3.78
C VAL A 251 13.03 10.68 4.51
N GLN A 252 13.97 11.63 4.39
CA GLN A 252 13.79 12.96 4.97
C GLN A 252 12.55 13.65 4.43
N ALA A 253 12.36 13.58 3.12
CA ALA A 253 11.28 14.34 2.45
C ALA A 253 9.93 13.60 2.49
N THR A 254 9.92 12.38 3.01
CA THR A 254 8.70 11.57 3.09
C THR A 254 8.39 11.16 4.55
N LEU A 255 8.93 10.03 4.96
CA LEU A 255 8.61 9.45 6.28
C LEU A 255 8.84 10.44 7.43
N GLU A 256 9.94 11.19 7.37
CA GLU A 256 10.32 12.06 8.48
C GLU A 256 9.50 13.35 8.54
N THR A 257 8.64 13.60 7.55
CA THR A 257 7.82 14.83 7.54
C THR A 257 6.55 14.75 8.41
N ALA A 258 6.23 13.57 8.93
CA ALA A 258 5.06 13.41 9.81
C ALA A 258 5.44 12.63 11.06
N ALA A 259 5.02 13.14 12.23
CA ALA A 259 5.24 12.44 13.50
C ALA A 259 4.01 11.61 13.83
N PRO A 260 4.21 10.55 14.63
CA PRO A 260 3.07 9.74 15.02
C PRO A 260 2.04 10.58 15.79
N PRO A 261 0.74 10.26 15.64
CA PRO A 261 -0.27 10.99 16.36
C PRO A 261 -0.30 10.64 17.86
N THR A 262 -0.85 11.57 18.65
CA THR A 262 -0.99 11.41 20.09
C THR A 262 -2.39 11.80 20.50
N GLY A 263 -2.81 11.39 21.70
CA GLY A 263 -4.12 11.79 22.23
C GLY A 263 -5.28 11.32 21.38
N ALA A 264 -6.26 12.19 21.22
CA ALA A 264 -7.42 11.92 20.39
C ALA A 264 -7.01 11.65 18.95
N ALA A 265 -5.96 12.33 18.48
CA ALA A 265 -5.47 12.09 17.13
C ALA A 265 -5.05 10.62 16.92
N ALA A 266 -4.45 10.03 17.95
CA ALA A 266 -4.04 8.61 17.92
C ALA A 266 -5.22 7.64 18.03
N GLU A 267 -6.37 8.11 18.53
CA GLU A 267 -7.60 7.29 18.57
C GLU A 267 -8.28 7.17 17.21
N ASN A 268 -7.95 8.09 16.29
CA ASN A 268 -8.48 8.09 14.94
C ASN A 268 -7.55 7.30 14.03
N PRO A 269 -8.00 6.13 13.55
CA PRO A 269 -7.11 5.31 12.73
C PRO A 269 -6.57 6.00 11.47
N ALA A 270 -7.35 6.97 10.93
CA ALA A 270 -6.90 7.73 9.76
C ALA A 270 -5.57 8.42 9.96
N ASN A 271 -5.29 8.85 11.18
CA ASN A 271 -4.06 9.59 11.44
C ASN A 271 -2.80 8.78 11.54
N TRP A 272 -2.92 7.46 11.50
CA TRP A 272 -1.76 6.57 11.56
C TRP A 272 -1.15 6.32 10.17
N VAL A 273 -1.77 6.84 9.12
CA VAL A 273 -1.25 6.68 7.76
C VAL A 273 -1.11 8.04 7.05
N PRO A 274 0.02 8.71 7.27
CA PRO A 274 0.35 9.89 6.49
C PRO A 274 0.47 9.54 5.00
N VAL A 275 0.22 10.51 4.12
CA VAL A 275 0.47 10.30 2.69
C VAL A 275 1.43 11.38 2.19
N PHE A 276 2.19 11.07 1.15
CA PHE A 276 3.21 11.98 0.62
C PHE A 276 3.10 12.01 -0.90
N GLY A 277 2.08 12.70 -1.40
CA GLY A 277 1.80 12.71 -2.84
C GLY A 277 2.81 13.41 -3.75
N ASN A 278 3.58 14.34 -3.21
CA ASN A 278 4.50 15.14 -4.02
C ASN A 278 5.77 15.52 -3.22
N PRO A 279 6.63 14.53 -2.92
CA PRO A 279 7.81 14.78 -2.11
C PRO A 279 8.73 15.85 -2.71
N SER A 280 9.24 16.73 -1.85
CA SER A 280 10.12 17.81 -2.26
C SER A 280 11.51 17.37 -2.73
N ALA A 281 11.93 16.14 -2.42
CA ALA A 281 13.18 15.59 -2.91
C ALA A 281 13.00 14.09 -3.18
N GLY A 282 13.85 13.56 -4.04
CA GLY A 282 13.95 12.12 -4.27
C GLY A 282 12.86 11.55 -5.15
N TYR A 283 12.92 10.22 -5.31
CA TYR A 283 11.99 9.49 -6.15
C TYR A 283 10.59 9.80 -5.65
N PRO A 284 9.71 10.30 -6.53
CA PRO A 284 8.54 10.98 -5.99
C PRO A 284 7.26 10.15 -5.82
N ILE A 285 7.29 8.86 -6.13
CA ILE A 285 6.09 7.99 -6.01
C ILE A 285 6.29 7.01 -4.85
N ALA A 286 5.71 7.32 -3.70
CA ALA A 286 6.01 6.57 -2.49
C ALA A 286 4.91 6.73 -1.45
N GLY A 287 4.81 5.75 -0.54
CA GLY A 287 3.92 5.87 0.61
C GLY A 287 3.96 4.61 1.47
N TYR A 288 3.02 4.52 2.40
CA TYR A 288 2.99 3.40 3.32
C TYR A 288 2.11 2.28 2.81
N THR A 289 2.54 1.05 3.09
CA THR A 289 1.63 -0.09 3.08
C THR A 289 1.38 -0.44 4.56
N ASN A 290 0.13 -0.80 4.85
CA ASN A 290 -0.41 -0.79 6.20
C ASN A 290 -1.02 -2.12 6.63
N PHE A 291 -1.16 -2.29 7.95
CA PHE A 291 -2.01 -3.34 8.50
C PHE A 291 -3.31 -2.76 9.00
N VAL A 292 -4.39 -3.55 8.89
CA VAL A 292 -5.60 -3.30 9.64
C VAL A 292 -5.80 -4.50 10.58
N PHE A 293 -5.89 -4.23 11.88
CA PHE A 293 -6.16 -5.27 12.87
C PHE A 293 -7.41 -4.88 13.62
N GLY A 294 -7.92 -5.81 14.42
CA GLY A 294 -8.91 -5.44 15.43
C GLY A 294 -8.16 -4.99 16.68
N GLN A 295 -8.72 -4.04 17.43
CA GLN A 295 -8.16 -3.83 18.78
C GLN A 295 -8.48 -5.01 19.69
N CYS A 296 -9.64 -5.63 19.52
CA CYS A 296 -10.09 -6.67 20.45
C CYS A 296 -10.46 -7.96 19.73
N TYR A 297 -10.06 -9.07 20.34
CA TYR A 297 -10.28 -10.41 19.79
C TYR A 297 -10.83 -11.30 20.91
N LYS A 298 -11.99 -11.92 20.70
CA LYS A 298 -12.48 -12.87 21.67
C LYS A 298 -11.53 -14.04 21.85
N ASN A 299 -10.81 -14.40 20.79
CA ASN A 299 -9.74 -15.40 20.92
C ASN A 299 -8.49 -14.75 21.49
N ALA A 300 -8.20 -15.05 22.76
CA ALA A 300 -7.09 -14.40 23.46
C ALA A 300 -5.70 -14.75 22.88
N THR A 301 -5.55 -15.95 22.33
CA THR A 301 -4.28 -16.34 21.71
C THR A 301 -4.04 -15.57 20.42
N VAL A 302 -5.11 -15.36 19.63
CA VAL A 302 -5.03 -14.49 18.45
C VAL A 302 -4.58 -13.10 18.91
N GLY A 303 -5.21 -12.54 19.95
CA GLY A 303 -4.75 -11.23 20.47
C GLY A 303 -3.28 -11.21 20.88
N ALA A 304 -2.87 -12.24 21.61
CA ALA A 304 -1.48 -12.38 22.04
C ALA A 304 -0.54 -12.56 20.86
N ASN A 305 -0.94 -13.36 19.86
CA ASN A 305 -0.14 -13.56 18.65
C ASN A 305 0.06 -12.24 17.88
N VAL A 306 -1.01 -11.42 17.81
CA VAL A 306 -0.93 -10.11 17.17
C VAL A 306 0.04 -9.21 17.94
N ARG A 307 -0.11 -9.13 19.27
CA ARG A 307 0.79 -8.31 20.06
C ARG A 307 2.25 -8.74 19.91
N GLY A 308 2.45 -10.05 19.90
CA GLY A 308 3.77 -10.63 19.75
C GLY A 308 4.38 -10.20 18.42
N PHE A 309 3.60 -10.32 17.36
CA PHE A 309 4.08 -9.86 16.08
C PHE A 309 4.41 -8.38 16.09
N LEU A 310 3.51 -7.58 16.65
CA LEU A 310 3.71 -6.12 16.70
C LEU A 310 4.96 -5.76 17.49
N THR A 311 5.19 -6.47 18.59
CA THR A 311 6.36 -6.21 19.44
C THR A 311 7.66 -6.38 18.67
N LYS A 312 7.71 -7.33 17.74
CA LYS A 312 8.90 -7.55 16.93
C LYS A 312 8.97 -6.59 15.77
N HIS A 313 7.89 -6.48 15.01
CA HIS A 313 7.91 -5.67 13.80
C HIS A 313 8.12 -4.19 14.09
N TYR A 314 7.56 -3.73 15.22
CA TYR A 314 7.71 -2.34 15.63
C TYR A 314 8.65 -2.26 16.83
N GLY A 315 9.54 -3.24 16.96
CA GLY A 315 10.53 -3.28 18.03
C GLY A 315 11.66 -2.30 17.80
N SER A 316 12.63 -2.33 18.71
CA SER A 316 13.80 -1.49 18.64
C SER A 316 14.99 -2.30 19.12
N THR A 317 16.04 -2.33 18.33
CA THR A 317 17.26 -3.00 18.73
C THR A 317 18.44 -2.20 18.21
N VAL A 318 19.55 -2.23 18.93
CA VAL A 318 20.76 -1.54 18.50
C VAL A 318 21.74 -2.62 18.06
N VAL A 319 22.15 -2.52 16.79
CA VAL A 319 23.00 -3.51 16.15
C VAL A 319 24.13 -2.74 15.50
N ASN A 320 25.37 -3.09 15.84
CA ASN A 320 26.54 -2.33 15.39
C ASN A 320 26.42 -0.83 15.69
N GLY A 321 25.80 -0.53 16.85
CA GLY A 321 25.62 0.83 17.32
C GLY A 321 24.54 1.64 16.61
N VAL A 322 23.79 1.01 15.71
CA VAL A 322 22.75 1.72 14.97
C VAL A 322 21.39 1.13 15.34
N GLU A 323 20.49 2.00 15.79
CA GLU A 323 19.14 1.59 16.17
C GLU A 323 18.36 1.21 14.94
N GLN A 324 17.61 0.11 15.04
N GLN A 324 17.65 0.08 15.02
CA GLN A 324 16.81 -0.38 13.93
CA GLN A 324 16.80 -0.39 13.94
C GLN A 324 15.63 -1.20 14.47
C GLN A 324 15.61 -1.18 14.48
N GLY A 325 14.63 -1.41 13.62
CA GLY A 325 13.57 -2.38 13.89
C GLY A 325 14.15 -3.78 13.69
N PRO A 326 13.67 -4.77 14.47
CA PRO A 326 14.13 -6.13 14.36
C PRO A 326 14.00 -6.74 12.96
N ASN A 327 12.97 -6.34 12.21
CA ASN A 327 12.75 -6.87 10.88
C ASN A 327 13.37 -6.07 9.73
N ASP A 328 14.19 -5.06 10.05
CA ASP A 328 14.65 -4.13 9.00
C ASP A 328 15.50 -4.80 7.90
N VAL A 329 16.26 -5.86 8.21
CA VAL A 329 17.04 -6.53 7.20
C VAL A 329 16.12 -7.21 6.17
N ALA A 330 15.11 -7.92 6.64
CA ALA A 330 14.10 -8.51 5.80
C ALA A 330 13.33 -7.46 4.98
N ILE A 331 12.93 -6.37 5.64
CA ILE A 331 12.26 -5.27 4.98
C ILE A 331 13.09 -4.77 3.79
N ARG A 332 14.38 -4.49 4.02
CA ARG A 332 15.23 -4.01 2.93
C ARG A 332 15.50 -5.07 1.87
N ALA A 333 15.54 -6.34 2.29
CA ALA A 333 15.75 -7.48 1.36
C ALA A 333 14.57 -7.62 0.37
N HIS A 334 13.39 -7.19 0.81
CA HIS A 334 12.20 -7.11 -0.05
C HIS A 334 11.97 -5.73 -0.73
N LYS A 335 13.02 -4.89 -0.72
CA LYS A 335 13.13 -3.63 -1.45
C LYS A 335 12.19 -2.56 -0.89
N PHE A 336 11.86 -2.71 0.40
CA PHE A 336 11.04 -1.74 1.11
C PHE A 336 11.86 -0.86 2.04
N ILE A 337 11.18 0.10 2.66
CA ILE A 337 11.81 1.13 3.44
C ILE A 337 11.32 0.97 4.90
N PRO A 338 12.24 0.71 5.84
CA PRO A 338 11.86 0.58 7.25
C PRO A 338 11.20 1.84 7.80
N LEU A 339 10.33 1.65 8.78
CA LEU A 339 9.72 2.78 9.46
C LEU A 339 10.75 3.47 10.34
N THR A 340 10.56 4.77 10.55
CA THR A 340 11.40 5.51 11.47
C THR A 340 11.17 5.05 12.92
N LYS A 341 12.19 5.28 13.73
CA LYS A 341 12.15 4.93 15.13
C LYS A 341 10.93 5.53 15.85
N ALA A 342 10.60 6.81 15.59
CA ALA A 342 9.45 7.45 16.26
C ALA A 342 8.17 6.67 16.05
N TRP A 343 7.98 6.21 14.80
CA TRP A 343 6.79 5.49 14.43
C TRP A 343 6.79 4.08 15.04
N ARG A 344 7.93 3.39 15.01
CA ARG A 344 7.95 2.06 15.65
C ARG A 344 7.67 2.18 17.15
N ASP A 345 8.33 3.13 17.80
CA ASP A 345 8.13 3.36 19.23
C ASP A 345 6.67 3.65 19.56
N ALA A 346 6.03 4.48 18.74
CA ALA A 346 4.62 4.88 18.97
C ALA A 346 3.66 3.70 18.82
N VAL A 347 3.86 2.90 17.78
CA VAL A 347 3.01 1.73 17.55
C VAL A 347 3.20 0.71 18.67
N ARG A 348 4.46 0.47 19.04
CA ARG A 348 4.79 -0.50 20.06
C ARG A 348 4.15 -0.12 21.40
N ALA A 349 4.28 1.15 21.74
CA ALA A 349 3.82 1.63 23.03
C ALA A 349 2.30 1.58 23.13
N ARG A 350 1.61 1.97 22.06
CA ARG A 350 0.15 2.05 22.11
C ARG A 350 -0.52 0.70 21.85
N PHE A 351 -0.11 -0.01 20.79
CA PHE A 351 -0.85 -1.18 20.30
C PHE A 351 -0.30 -2.54 20.77
N ALA A 352 1.00 -2.60 21.03
CA ALA A 352 1.68 -3.86 21.34
C ALA A 352 1.87 -4.09 22.83
N THR A 353 1.77 -3.02 23.63
CA THR A 353 2.01 -3.05 25.08
C THR A 353 0.66 -3.23 25.79
N ALA A 354 0.45 -4.42 26.34
CA ALA A 354 -0.88 -4.87 26.77
C ALA A 354 -1.52 -3.99 27.84
N THR A 355 -0.72 -3.30 28.65
CA THR A 355 -1.21 -2.39 29.69
C THR A 355 -1.79 -1.06 29.19
N ASN A 356 -1.52 -0.71 27.93
CA ASN A 356 -2.03 0.54 27.36
C ASN A 356 -3.50 0.35 26.99
N ALA A 357 -4.33 1.32 27.35
CA ALA A 357 -5.76 1.32 27.02
C ALA A 357 -6.03 1.09 25.53
N GLY A 358 -5.09 1.51 24.68
CA GLY A 358 -5.23 1.38 23.23
C GLY A 358 -4.68 0.11 22.63
N ALA A 359 -4.15 -0.79 23.46
CA ALA A 359 -3.45 -1.97 22.94
C ALA A 359 -4.39 -3.12 22.57
N VAL A 360 -3.87 -3.98 21.69
CA VAL A 360 -4.62 -5.16 21.26
C VAL A 360 -4.88 -6.05 22.46
N ASN A 361 -6.16 -6.29 22.74
CA ASN A 361 -6.56 -7.07 23.89
C ASN A 361 -6.13 -6.50 25.25
N ASN A 362 -6.01 -5.17 25.32
CA ASN A 362 -5.92 -4.52 26.62
C ASN A 362 -7.10 -5.03 27.46
N PRO A 363 -6.84 -5.49 28.71
CA PRO A 363 -7.92 -6.13 29.45
C PRO A 363 -9.08 -5.19 29.75
N ALA A 364 -8.80 -3.93 30.03
CA ALA A 364 -9.89 -3.02 30.34
C ALA A 364 -10.71 -2.68 29.11
N THR A 365 -10.07 -2.13 28.08
CA THR A 365 -10.80 -1.72 26.87
C THR A 365 -11.53 -2.88 26.19
N CYS A 366 -10.89 -4.04 26.15
CA CYS A 366 -11.44 -5.21 25.44
C CYS A 366 -12.25 -6.16 26.30
N SER A 367 -12.53 -5.77 27.53
CA SER A 367 -13.23 -6.67 28.45
C SER A 367 -14.57 -7.10 27.89
N GLY A 368 -14.76 -8.41 27.72
CA GLY A 368 -16.05 -8.96 27.27
C GLY A 368 -16.36 -8.82 25.77
N ILE A 369 -15.48 -8.18 25.00
CA ILE A 369 -15.78 -7.83 23.60
C ILE A 369 -14.68 -8.34 22.67
N GLY A 370 -14.89 -8.18 21.36
CA GLY A 370 -13.85 -8.51 20.38
C GLY A 370 -14.42 -9.18 19.13
N ARG A 371 -13.54 -9.30 18.13
CA ARG A 371 -13.85 -10.05 16.93
C ARG A 371 -14.16 -11.50 17.34
N PRO A 372 -15.17 -12.12 16.69
CA PRO A 372 -15.68 -13.41 17.20
C PRO A 372 -14.72 -14.56 17.04
N LEU A 373 -14.91 -15.58 17.85
CA LEU A 373 -14.21 -16.87 17.69
C LEU A 373 -14.50 -17.47 16.31
P PO4 B . -2.19 -3.99 -3.97
O1 PO4 B . -1.90 -3.20 -5.18
O2 PO4 B . -3.43 -3.46 -3.28
O3 PO4 B . -2.41 -5.42 -4.41
O4 PO4 B . -1.02 -3.92 -3.03
C1 GOL C . 15.65 3.83 9.23
O1 GOL C . 15.79 3.64 10.66
C2 GOL C . 14.37 4.64 9.03
O2 GOL C . 14.51 5.82 9.83
C3 GOL C . 14.16 5.03 7.58
O3 GOL C . 13.90 3.91 6.76
C1 GOL D . 4.11 5.04 -34.03
O1 GOL D . 3.89 4.48 -32.73
C2 GOL D . 3.72 4.00 -35.08
O2 GOL D . 3.11 4.71 -36.15
C3 GOL D . 4.91 3.24 -35.60
O3 GOL D . 4.77 2.91 -37.00
#